data_6SLC
#
_entry.id   6SLC
#
_cell.length_a   155.471
_cell.length_b   155.471
_cell.length_c   53.753
_cell.angle_alpha   90.000
_cell.angle_beta   90.000
_cell.angle_gamma   90.000
#
_symmetry.space_group_name_H-M   'I 4'
#
loop_
_entity.id
_entity.type
_entity.pdbx_description
1 polymer 'Sporulation and cell division protein SsgA'
2 non-polymer DI(HYDROXYETHYL)ETHER
3 non-polymer GLYCEROL
4 non-polymer 'PHOSPHATE ION'
5 water water
#
_entity_poly.entity_id   1
_entity_poly.type   'polypeptide(L)'
_entity_poly.pdbx_seq_one_letter_code
;MGSSHHHHHHSSGLVPRGSHMNTTVSCELHLRLVVSSESSLPVPAGLRYDTADPYAVHATFHTGAEETVEWVFARDLLAE
GLHRPTGTGDVRVWPSRSHGQGVVCIALSSPEGEALLEAPARALESFLKRTDAAVPPGTEHRHFDLDQELSHILAES
;
_entity_poly.pdbx_strand_id   AAA,BBB,CCC
#
loop_
_chem_comp.id
_chem_comp.type
_chem_comp.name
_chem_comp.formula
GOL non-polymer GLYCEROL 'C3 H8 O3'
PEG non-polymer DI(HYDROXYETHYL)ETHER 'C4 H10 O3'
PO4 non-polymer 'PHOSPHATE ION' 'O4 P -3'
#
# COMPACT_ATOMS: atom_id res chain seq x y z
N GLY A 18 1.60 11.08 18.87
CA GLY A 18 1.11 11.22 17.47
C GLY A 18 1.85 12.29 16.69
N SER A 19 2.27 11.96 15.45
CA SER A 19 2.89 12.89 14.48
C SER A 19 2.21 12.80 13.11
N HIS A 20 2.02 13.97 12.47
CA HIS A 20 1.39 14.12 11.13
C HIS A 20 2.39 13.63 10.10
N MET A 21 2.47 12.33 9.90
CA MET A 21 3.50 11.74 9.00
C MET A 21 3.45 12.40 7.62
N ASN A 22 2.25 12.65 7.07
CA ASN A 22 2.13 12.76 5.60
C ASN A 22 0.75 13.26 5.17
N THR A 23 0.73 14.01 4.06
CA THR A 23 -0.46 14.42 3.29
C THR A 23 -0.23 13.92 1.86
N THR A 24 -1.20 13.29 1.24
CA THR A 24 -1.08 12.67 -0.09
C THR A 24 -2.04 13.39 -1.04
N VAL A 25 -1.54 13.75 -2.21
CA VAL A 25 -2.34 14.31 -3.34
C VAL A 25 -2.16 13.31 -4.47
N SER A 26 -3.25 12.80 -5.01
CA SER A 26 -3.16 11.75 -6.05
C SER A 26 -4.07 12.11 -7.23
N CYS A 27 -3.79 11.53 -8.38
CA CYS A 27 -4.73 11.56 -9.53
C CYS A 27 -4.51 10.30 -10.39
N GLU A 28 -5.48 9.97 -11.22
CA GLU A 28 -5.37 8.86 -12.20
C GLU A 28 -5.39 9.51 -13.58
N LEU A 29 -4.36 9.31 -14.38
CA LEU A 29 -4.24 9.86 -15.75
C LEU A 29 -4.27 8.70 -16.73
N HIS A 30 -4.60 8.96 -17.98
CA HIS A 30 -4.51 7.93 -19.04
C HIS A 30 -3.35 8.34 -19.94
N LEU A 31 -2.28 7.55 -19.96
CA LEU A 31 -1.09 7.82 -20.80
C LEU A 31 -1.14 6.91 -22.02
N ARG A 32 -0.43 7.28 -23.08
CA ARG A 32 -0.28 6.43 -24.28
C ARG A 32 1.15 5.92 -24.31
N LEU A 33 1.34 4.61 -24.34
CA LEU A 33 2.69 4.05 -24.60
C LEU A 33 2.91 4.15 -26.11
N VAL A 34 3.91 4.90 -26.56
CA VAL A 34 4.14 5.07 -28.02
C VAL A 34 4.93 3.86 -28.52
N VAL A 35 4.20 2.87 -29.03
CA VAL A 35 4.75 1.62 -29.65
C VAL A 35 5.40 2.01 -30.99
N SER A 36 4.72 2.83 -31.79
CA SER A 36 5.15 3.15 -33.18
C SER A 36 4.67 4.54 -33.58
N SER A 37 5.07 4.98 -34.78
CA SER A 37 4.62 6.26 -35.40
C SER A 37 3.09 6.30 -35.44
N GLU A 38 2.43 5.20 -35.81
CA GLU A 38 0.95 5.18 -35.97
C GLU A 38 0.29 4.31 -34.88
N SER A 39 1.04 3.76 -33.92
CA SER A 39 0.45 2.83 -32.92
C SER A 39 0.85 3.18 -31.48
N SER A 40 -0.15 3.19 -30.59
CA SER A 40 0.01 3.48 -29.15
C SER A 40 -0.85 2.50 -28.34
N LEU A 41 -0.47 2.25 -27.09
CA LEU A 41 -1.25 1.39 -26.15
C LEU A 41 -1.63 2.23 -24.94
N PRO A 42 -2.79 1.96 -24.31
CA PRO A 42 -3.23 2.71 -23.14
C PRO A 42 -2.46 2.25 -21.90
N VAL A 43 -1.99 3.21 -21.11
CA VAL A 43 -1.35 2.95 -19.79
C VAL A 43 -2.04 3.81 -18.76
N PRO A 44 -3.05 3.28 -18.03
CA PRO A 44 -3.55 3.97 -16.84
C PRO A 44 -2.37 4.14 -15.87
N ALA A 45 -2.25 5.31 -15.27
CA ALA A 45 -1.16 5.66 -14.35
C ALA A 45 -1.75 6.38 -13.16
N GLY A 46 -1.30 6.03 -11.97
CA GLY A 46 -1.57 6.77 -10.73
C GLY A 46 -0.38 7.62 -10.38
N LEU A 47 -0.61 8.91 -10.15
CA LEU A 47 0.43 9.82 -9.64
C LEU A 47 0.09 10.10 -8.18
N ARG A 48 1.11 10.15 -7.33
CA ARG A 48 0.95 10.39 -5.89
C ARG A 48 2.04 11.39 -5.48
N TYR A 49 1.65 12.44 -4.76
CA TYR A 49 2.57 13.40 -4.12
C TYR A 49 2.43 13.27 -2.60
N ASP A 50 3.54 13.05 -1.90
CA ASP A 50 3.61 12.91 -0.43
C ASP A 50 4.38 14.11 0.14
N THR A 51 3.76 14.89 1.02
CA THR A 51 4.40 16.09 1.62
C THR A 51 5.61 15.68 2.47
N ALA A 52 5.67 14.44 2.95
CA ALA A 52 6.83 13.88 3.67
C ALA A 52 7.98 13.57 2.70
N ASP A 53 7.72 13.53 1.39
CA ASP A 53 8.75 13.33 0.33
C ASP A 53 8.54 14.45 -0.69
N PRO A 54 8.75 15.73 -0.29
CA PRO A 54 8.22 16.88 -1.04
C PRO A 54 8.88 17.20 -2.38
N TYR A 55 10.02 16.60 -2.69
CA TYR A 55 10.73 16.78 -4.00
C TYR A 55 10.24 15.77 -5.04
N ALA A 56 9.46 14.76 -4.64
CA ALA A 56 9.19 13.58 -5.49
C ALA A 56 7.73 13.52 -5.94
N VAL A 57 7.54 12.93 -7.11
CA VAL A 57 6.23 12.41 -7.56
C VAL A 57 6.41 10.92 -7.84
N HIS A 58 5.53 10.10 -7.25
CA HIS A 58 5.50 8.62 -7.45
C HIS A 58 4.51 8.31 -8.54
N ALA A 59 4.93 7.55 -9.54
CA ALA A 59 4.07 7.12 -10.66
C ALA A 59 3.93 5.59 -10.62
N THR A 60 2.70 5.10 -10.67
CA THR A 60 2.37 3.67 -10.92
C THR A 60 1.77 3.53 -12.32
N PHE A 61 2.51 2.89 -13.23
CA PHE A 61 2.04 2.54 -14.60
C PHE A 61 1.39 1.16 -14.56
N HIS A 62 0.08 1.08 -14.80
CA HIS A 62 -0.67 -0.19 -14.88
C HIS A 62 -0.43 -0.77 -16.28
N THR A 63 0.58 -1.63 -16.42
CA THR A 63 1.05 -2.17 -17.72
C THR A 63 0.32 -3.47 -18.09
N GLY A 64 -0.47 -4.02 -17.16
CA GLY A 64 -1.35 -5.17 -17.38
C GLY A 64 -2.29 -5.34 -16.20
N ALA A 65 -3.17 -6.34 -16.23
CA ALA A 65 -4.30 -6.45 -15.27
C ALA A 65 -3.75 -6.47 -13.84
N GLU A 66 -2.76 -7.33 -13.59
CA GLU A 66 -2.17 -7.52 -12.23
C GLU A 66 -0.64 -7.33 -12.32
N GLU A 67 -0.19 -6.34 -13.10
CA GLU A 67 1.22 -5.89 -13.09
C GLU A 67 1.32 -4.36 -13.13
N THR A 68 2.26 -3.81 -12.36
CA THR A 68 2.57 -2.37 -12.37
C THR A 68 4.08 -2.13 -12.51
N VAL A 69 4.44 -0.97 -13.05
CA VAL A 69 5.84 -0.48 -13.03
C VAL A 69 5.85 0.84 -12.25
N GLU A 70 6.65 0.92 -11.19
CA GLU A 70 6.74 2.08 -10.27
C GLU A 70 7.98 2.90 -10.64
N TRP A 71 7.80 4.20 -10.86
CA TRP A 71 8.88 5.19 -11.10
C TRP A 71 8.79 6.30 -10.08
N VAL A 72 9.92 6.88 -9.70
CA VAL A 72 9.97 8.17 -8.95
C VAL A 72 10.53 9.24 -9.87
N PHE A 73 9.87 10.40 -9.91
CA PHE A 73 10.33 11.61 -10.63
C PHE A 73 10.56 12.73 -9.63
N ALA A 74 11.49 13.63 -9.94
CA ALA A 74 11.58 14.96 -9.33
C ALA A 74 10.32 15.74 -9.74
N ARG A 75 9.58 16.27 -8.77
CA ARG A 75 8.41 17.11 -9.10
C ARG A 75 8.87 18.21 -10.06
N ASP A 76 10.03 18.83 -9.82
CA ASP A 76 10.52 20.02 -10.58
C ASP A 76 10.81 19.64 -12.05
N LEU A 77 11.16 18.38 -12.31
CA LEU A 77 11.41 17.88 -13.68
C LEU A 77 10.09 17.79 -14.47
N LEU A 78 9.03 17.27 -13.85
CA LEU A 78 7.69 17.19 -14.50
C LEU A 78 7.15 18.61 -14.71
N ALA A 79 7.32 19.49 -13.71
CA ALA A 79 6.89 20.89 -13.79
C ALA A 79 7.58 21.59 -14.98
N GLU A 80 8.90 21.46 -15.11
CA GLU A 80 9.68 22.08 -16.23
C GLU A 80 9.24 21.47 -17.57
N GLY A 81 8.96 20.17 -17.58
CA GLY A 81 8.59 19.42 -18.80
C GLY A 81 7.33 19.94 -19.45
N LEU A 82 6.48 20.65 -18.72
CA LEU A 82 5.26 21.27 -19.30
C LEU A 82 5.64 22.42 -20.24
N HIS A 83 6.81 23.03 -20.05
CA HIS A 83 7.22 24.31 -20.71
C HIS A 83 8.38 24.10 -21.70
N ARG A 84 9.32 23.20 -21.41
CA ARG A 84 10.53 23.03 -22.26
C ARG A 84 11.14 21.64 -22.07
N PRO A 85 11.98 21.17 -23.02
CA PRO A 85 12.63 19.88 -22.90
C PRO A 85 13.60 19.90 -21.72
N THR A 86 13.67 18.82 -20.95
CA THR A 86 14.50 18.77 -19.72
C THR A 86 14.81 17.32 -19.35
N GLY A 87 15.83 17.15 -18.50
CA GLY A 87 16.27 15.86 -17.94
C GLY A 87 17.46 15.30 -18.68
N THR A 88 18.37 14.68 -17.94
CA THR A 88 19.46 13.82 -18.48
C THR A 88 19.49 12.53 -17.65
N GLY A 89 20.06 11.46 -18.20
CA GLY A 89 20.05 10.13 -17.57
C GLY A 89 18.77 9.38 -17.91
N ASP A 90 18.12 8.79 -16.91
CA ASP A 90 17.00 7.83 -17.08
C ASP A 90 15.80 8.52 -17.74
N VAL A 91 15.58 9.81 -17.44
CA VAL A 91 14.31 10.51 -17.77
C VAL A 91 14.61 11.74 -18.62
N ARG A 92 13.91 11.84 -19.76
CA ARG A 92 13.82 13.04 -20.61
C ARG A 92 12.34 13.40 -20.76
N VAL A 93 12.01 14.67 -20.59
CA VAL A 93 10.62 15.19 -20.64
C VAL A 93 10.59 16.42 -21.56
N TRP A 94 9.53 16.56 -22.37
CA TRP A 94 9.33 17.75 -23.23
C TRP A 94 7.86 17.89 -23.63
N PRO A 95 7.38 19.14 -23.81
CA PRO A 95 6.01 19.40 -24.26
C PRO A 95 5.89 19.23 -25.78
N SER A 96 4.68 18.95 -26.25
CA SER A 96 4.39 18.60 -27.66
C SER A 96 2.88 18.58 -27.86
N ARG A 97 2.41 18.19 -29.04
CA ARG A 97 0.96 18.04 -29.32
C ARG A 97 0.78 16.71 -30.05
N SER A 98 -0.36 16.07 -29.85
CA SER A 98 -0.75 14.86 -30.62
C SER A 98 -2.27 14.73 -30.62
N HIS A 99 -2.83 14.43 -31.79
CA HIS A 99 -4.29 14.36 -32.05
C HIS A 99 -4.95 15.65 -31.55
N GLY A 100 -4.28 16.80 -31.70
CA GLY A 100 -4.78 18.14 -31.37
C GLY A 100 -4.91 18.41 -29.88
N GLN A 101 -4.21 17.66 -29.05
CA GLN A 101 -4.21 17.86 -27.56
C GLN A 101 -2.76 18.10 -27.15
N GLY A 102 -2.55 19.06 -26.24
CA GLY A 102 -1.26 19.30 -25.60
C GLY A 102 -0.86 18.09 -24.76
N VAL A 103 0.36 17.60 -24.94
CA VAL A 103 0.90 16.41 -24.23
C VAL A 103 2.27 16.74 -23.67
N VAL A 104 2.65 16.04 -22.61
CA VAL A 104 4.06 16.00 -22.14
C VAL A 104 4.60 14.63 -22.53
N CYS A 105 5.69 14.63 -23.28
CA CYS A 105 6.36 13.38 -23.71
C CYS A 105 7.32 12.98 -22.59
N ILE A 106 7.25 11.72 -22.15
CA ILE A 106 8.13 11.15 -21.10
C ILE A 106 8.89 9.96 -21.70
N ALA A 107 10.19 10.14 -21.93
CA ALA A 107 11.11 9.08 -22.40
C ALA A 107 11.86 8.51 -21.18
N LEU A 108 11.67 7.23 -20.92
CA LEU A 108 12.23 6.50 -19.76
C LEU A 108 13.24 5.43 -20.23
N SER A 109 14.43 5.39 -19.61
CA SER A 109 15.49 4.38 -19.86
C SER A 109 15.76 3.63 -18.56
N SER A 110 15.84 2.31 -18.61
CA SER A 110 16.37 1.44 -17.53
C SER A 110 17.21 0.32 -18.15
N PRO A 111 17.98 -0.45 -17.35
CA PRO A 111 18.58 -1.68 -17.85
C PRO A 111 17.54 -2.57 -18.55
N GLU A 112 16.34 -2.63 -17.97
CA GLU A 112 15.19 -3.47 -18.44
C GLU A 112 14.69 -2.92 -19.78
N GLY A 113 14.42 -1.61 -19.89
CA GLY A 113 13.56 -1.05 -20.96
C GLY A 113 13.90 0.37 -21.40
N GLU A 114 13.48 0.71 -22.63
CA GLU A 114 13.27 2.11 -23.12
C GLU A 114 11.80 2.30 -23.50
N ALA A 115 11.14 3.31 -22.92
CA ALA A 115 9.70 3.59 -23.14
C ALA A 115 9.52 5.07 -23.49
N LEU A 116 8.61 5.35 -24.41
CA LEU A 116 8.10 6.71 -24.70
C LEU A 116 6.62 6.77 -24.32
N LEU A 117 6.27 7.65 -23.39
CA LEU A 117 4.87 7.83 -22.91
C LEU A 117 4.42 9.26 -23.23
N GLU A 118 3.13 9.40 -23.56
CA GLU A 118 2.46 10.72 -23.71
C GLU A 118 1.47 10.87 -22.56
N ALA A 119 1.63 11.94 -21.80
CA ALA A 119 0.67 12.37 -20.75
C ALA A 119 -0.13 13.57 -21.27
N PRO A 120 -1.44 13.64 -21.00
CA PRO A 120 -2.20 14.84 -21.29
C PRO A 120 -1.71 16.00 -20.41
N ALA A 121 -1.29 17.09 -21.04
CA ALA A 121 -0.63 18.28 -20.42
C ALA A 121 -1.58 18.91 -19.40
N ARG A 122 -2.83 19.15 -19.77
CA ARG A 122 -3.80 19.85 -18.91
C ARG A 122 -3.92 19.09 -17.58
N ALA A 123 -4.18 17.77 -17.64
CA ALA A 123 -4.40 16.90 -16.45
C ALA A 123 -3.12 16.86 -15.61
N LEU A 124 -1.96 16.70 -16.25
CA LEU A 124 -0.67 16.70 -15.52
C LEU A 124 -0.50 18.01 -14.77
N GLU A 125 -0.76 19.14 -15.44
CA GLU A 125 -0.55 20.49 -14.86
C GLU A 125 -1.52 20.69 -13.68
N SER A 126 -2.73 20.21 -13.81
CA SER A 126 -3.79 20.36 -12.79
C SER A 126 -3.40 19.59 -11.53
N PHE A 127 -2.83 18.39 -11.70
CA PHE A 127 -2.29 17.58 -10.57
C PHE A 127 -1.12 18.34 -9.91
N LEU A 128 -0.16 18.83 -10.70
CA LEU A 128 1.00 19.54 -10.12
C LEU A 128 0.53 20.79 -9.36
N LYS A 129 -0.51 21.48 -9.84
CA LYS A 129 -1.07 22.68 -9.16
C LYS A 129 -1.65 22.28 -7.80
N ARG A 130 -2.25 21.10 -7.71
CA ARG A 130 -2.77 20.58 -6.42
C ARG A 130 -1.59 20.28 -5.49
N THR A 131 -0.49 19.72 -6.01
CA THR A 131 0.72 19.47 -5.17
C THR A 131 1.30 20.81 -4.71
N ASP A 132 1.25 21.83 -5.56
CA ASP A 132 1.78 23.18 -5.23
C ASP A 132 0.94 23.84 -4.13
N ALA A 133 -0.37 23.58 -4.09
CA ALA A 133 -1.24 24.10 -3.02
C ALA A 133 -0.86 23.45 -1.69
N ALA A 134 -0.46 22.17 -1.69
CA ALA A 134 -0.02 21.44 -0.48
C ALA A 134 1.37 21.90 -0.06
N VAL A 135 2.33 21.95 -0.99
CA VAL A 135 3.74 22.37 -0.75
C VAL A 135 4.18 23.25 -1.90
N PRO A 136 4.09 24.59 -1.76
CA PRO A 136 4.50 25.49 -2.83
C PRO A 136 5.95 25.20 -3.20
N PRO A 137 6.29 25.11 -4.50
CA PRO A 137 7.68 25.00 -4.92
C PRO A 137 8.49 26.14 -4.28
N GLY A 138 9.67 25.83 -3.77
CA GLY A 138 10.52 26.75 -3.01
C GLY A 138 10.42 26.55 -1.52
N THR A 139 9.40 25.83 -1.04
CA THR A 139 9.19 25.57 0.41
C THR A 139 9.45 24.10 0.75
N GLU A 140 9.88 23.28 -0.21
CA GLU A 140 10.10 21.83 0.05
C GLU A 140 11.01 21.65 1.27
N HIS A 141 12.00 22.55 1.45
CA HIS A 141 13.09 22.42 2.46
C HIS A 141 12.52 22.55 3.87
N ARG A 142 11.40 23.26 4.04
CA ARG A 142 10.73 23.45 5.36
C ARG A 142 10.38 22.07 5.95
N HIS A 143 10.10 21.07 5.10
CA HIS A 143 9.73 19.68 5.48
C HIS A 143 10.99 18.82 5.66
N PHE A 144 12.08 19.15 4.95
CA PHE A 144 13.41 18.45 4.96
C PHE A 144 13.28 17.09 4.24
N GLY B 18 15.10 10.88 -11.33
CA GLY B 18 14.07 9.95 -11.88
C GLY B 18 14.66 8.56 -12.13
N SER B 19 14.08 7.51 -11.56
CA SER B 19 14.56 6.11 -11.68
C SER B 19 13.43 5.12 -11.38
N HIS B 20 13.46 4.01 -12.12
CA HIS B 20 12.59 2.79 -12.01
C HIS B 20 12.79 2.11 -10.66
N MET B 21 11.88 2.26 -9.72
CA MET B 21 12.05 1.68 -8.36
C MET B 21 11.70 0.19 -8.36
N ASN B 22 10.69 -0.27 -9.14
CA ASN B 22 10.05 -1.57 -8.89
C ASN B 22 9.07 -1.93 -10.01
N THR B 23 8.94 -3.22 -10.29
CA THR B 23 7.87 -3.85 -11.10
C THR B 23 7.16 -4.85 -10.20
N THR B 24 5.83 -4.84 -10.18
CA THR B 24 5.06 -5.74 -9.29
C THR B 24 4.23 -6.69 -10.16
N VAL B 25 4.24 -7.97 -9.79
CA VAL B 25 3.34 -9.00 -10.36
C VAL B 25 2.49 -9.50 -9.20
N SER B 26 1.17 -9.47 -9.34
CA SER B 26 0.28 -9.92 -8.24
C SER B 26 -0.77 -10.91 -8.73
N CYS B 27 -1.40 -11.62 -7.81
CA CYS B 27 -2.62 -12.42 -8.10
C CYS B 27 -3.44 -12.54 -6.82
N GLU B 28 -4.71 -12.91 -6.93
CA GLU B 28 -5.56 -13.30 -5.77
C GLU B 28 -5.84 -14.80 -5.90
N LEU B 29 -5.59 -15.57 -4.85
CA LEU B 29 -5.85 -17.03 -4.79
C LEU B 29 -6.88 -17.27 -3.71
N HIS B 30 -7.68 -18.33 -3.85
CA HIS B 30 -8.55 -18.85 -2.77
C HIS B 30 -7.87 -20.08 -2.19
N LEU B 31 -7.38 -19.99 -0.96
CA LEU B 31 -6.73 -21.09 -0.24
C LEU B 31 -7.76 -21.72 0.71
N ARG B 32 -7.48 -22.92 1.19
CA ARG B 32 -8.30 -23.60 2.22
C ARG B 32 -7.42 -23.75 3.46
N LEU B 33 -7.89 -23.25 4.61
CA LEU B 33 -7.25 -23.57 5.89
C LEU B 33 -7.73 -24.97 6.28
N VAL B 34 -6.82 -25.95 6.39
CA VAL B 34 -7.22 -27.35 6.68
C VAL B 34 -7.40 -27.50 8.19
N VAL B 35 -8.64 -27.32 8.65
CA VAL B 35 -9.05 -27.44 10.08
C VAL B 35 -8.95 -28.92 10.51
N SER B 36 -9.46 -29.83 9.68
CA SER B 36 -9.59 -31.27 10.02
C SER B 36 -9.57 -32.11 8.74
N SER B 37 -9.60 -33.44 8.89
CA SER B 37 -9.69 -34.41 7.78
C SER B 37 -10.92 -34.13 6.93
N GLU B 38 -12.06 -33.77 7.53
CA GLU B 38 -13.32 -33.55 6.78
C GLU B 38 -13.71 -32.07 6.75
N SER B 39 -12.92 -31.15 7.32
CA SER B 39 -13.34 -29.73 7.44
C SER B 39 -12.22 -28.75 7.04
N SER B 40 -12.58 -27.71 6.28
CA SER B 40 -11.66 -26.63 5.84
C SER B 40 -12.37 -25.28 5.90
N LEU B 41 -11.63 -24.18 6.02
CA LEU B 41 -12.19 -22.80 5.99
C LEU B 41 -11.55 -22.03 4.84
N PRO B 42 -12.31 -21.15 4.15
CA PRO B 42 -11.80 -20.40 3.01
C PRO B 42 -10.90 -19.23 3.47
N VAL B 43 -9.73 -19.09 2.84
CA VAL B 43 -8.76 -18.00 3.13
C VAL B 43 -8.38 -17.35 1.81
N PRO B 44 -9.02 -16.22 1.45
CA PRO B 44 -8.55 -15.44 0.31
C PRO B 44 -7.12 -14.95 0.63
N ALA B 45 -6.26 -14.92 -0.36
CA ALA B 45 -4.84 -14.52 -0.21
C ALA B 45 -4.46 -13.68 -1.43
N GLY B 46 -3.64 -12.66 -1.22
CA GLY B 46 -2.95 -11.92 -2.29
C GLY B 46 -1.49 -12.34 -2.32
N LEU B 47 -0.95 -12.61 -3.50
CA LEU B 47 0.51 -12.81 -3.66
C LEU B 47 1.02 -11.60 -4.41
N ARG B 48 2.20 -11.11 -4.04
CA ARG B 48 2.88 -10.04 -4.80
C ARG B 48 4.35 -10.44 -5.00
N TYR B 49 4.85 -10.21 -6.20
CA TYR B 49 6.29 -10.32 -6.53
C TYR B 49 6.81 -8.92 -6.89
N ASP B 50 7.90 -8.49 -6.24
CA ASP B 50 8.55 -7.18 -6.48
C ASP B 50 9.94 -7.44 -7.07
N THR B 51 10.23 -6.94 -8.28
CA THR B 51 11.54 -7.11 -8.93
C THR B 51 12.65 -6.48 -8.10
N ALA B 52 12.34 -5.50 -7.25
CA ALA B 52 13.29 -4.91 -6.27
C ALA B 52 13.62 -5.88 -5.14
N ASP B 53 12.82 -6.93 -4.93
CA ASP B 53 13.04 -8.00 -3.91
C ASP B 53 12.91 -9.34 -4.63
N PRO B 54 13.82 -9.63 -5.59
CA PRO B 54 13.57 -10.64 -6.63
C PRO B 54 13.61 -12.11 -6.19
N TYR B 55 14.07 -12.40 -4.97
CA TYR B 55 14.10 -13.78 -4.41
C TYR B 55 12.80 -14.10 -3.68
N ALA B 56 11.92 -13.13 -3.47
CA ALA B 56 10.81 -13.24 -2.49
C ALA B 56 9.46 -13.25 -3.17
N VAL B 57 8.48 -13.87 -2.52
CA VAL B 57 7.04 -13.69 -2.78
C VAL B 57 6.39 -13.26 -1.47
N HIS B 58 5.64 -12.16 -1.49
CA HIS B 58 4.91 -11.65 -0.31
C HIS B 58 3.46 -12.14 -0.38
N ALA B 59 2.98 -12.76 0.68
CA ALA B 59 1.62 -13.34 0.75
C ALA B 59 0.83 -12.60 1.83
N THR B 60 -0.38 -12.14 1.50
CA THR B 60 -1.38 -11.60 2.45
C THR B 60 -2.52 -12.61 2.59
N PHE B 61 -2.64 -13.26 3.74
CA PHE B 61 -3.78 -14.16 4.08
C PHE B 61 -4.87 -13.33 4.76
N HIS B 62 -6.03 -13.19 4.13
CA HIS B 62 -7.23 -12.56 4.70
C HIS B 62 -7.88 -13.58 5.65
N THR B 63 -7.50 -13.54 6.93
CA THR B 63 -7.95 -14.49 7.99
C THR B 63 -9.24 -14.00 8.68
N GLY B 64 -9.71 -12.80 8.38
CA GLY B 64 -10.91 -12.16 8.95
C GLY B 64 -11.37 -11.02 8.06
N ALA B 65 -12.56 -10.46 8.32
CA ALA B 65 -13.14 -9.36 7.53
C ALA B 65 -12.13 -8.20 7.44
N GLU B 66 -11.58 -7.77 8.58
CA GLU B 66 -10.64 -6.63 8.68
C GLU B 66 -9.37 -7.12 9.40
N GLU B 67 -8.87 -8.29 9.03
CA GLU B 67 -7.64 -8.90 9.60
C GLU B 67 -6.83 -9.59 8.48
N THR B 68 -5.53 -9.39 8.46
CA THR B 68 -4.59 -10.08 7.53
C THR B 68 -3.37 -10.60 8.27
N VAL B 69 -2.79 -11.67 7.78
CA VAL B 69 -1.46 -12.17 8.24
C VAL B 69 -0.53 -12.15 7.02
N GLU B 70 0.61 -11.48 7.14
CA GLU B 70 1.60 -11.29 6.04
C GLU B 70 2.76 -12.26 6.27
N TRP B 71 3.09 -13.06 5.25
CA TRP B 71 4.26 -13.96 5.24
C TRP B 71 5.14 -13.63 4.04
N VAL B 72 6.45 -13.83 4.16
CA VAL B 72 7.39 -13.75 2.99
C VAL B 72 7.93 -15.16 2.74
N PHE B 73 7.91 -15.59 1.49
CA PHE B 73 8.48 -16.89 1.04
C PHE B 73 9.60 -16.64 0.05
N ALA B 74 10.55 -17.56 -0.01
CA ALA B 74 11.49 -17.69 -1.14
C ALA B 74 10.68 -18.09 -2.37
N ARG B 75 10.77 -17.34 -3.45
CA ARG B 75 10.09 -17.71 -4.73
C ARG B 75 10.48 -19.16 -5.06
N ASP B 76 11.76 -19.53 -4.88
CA ASP B 76 12.31 -20.85 -5.32
C ASP B 76 11.68 -21.97 -4.49
N LEU B 77 11.27 -21.70 -3.25
CA LEU B 77 10.61 -22.68 -2.35
C LEU B 77 9.19 -22.97 -2.86
N LEU B 78 8.44 -21.95 -3.25
CA LEU B 78 7.08 -22.14 -3.83
C LEU B 78 7.18 -22.86 -5.19
N ALA B 79 8.16 -22.48 -6.01
CA ALA B 79 8.38 -23.12 -7.33
C ALA B 79 8.68 -24.62 -7.14
N GLU B 80 9.58 -24.98 -6.22
CA GLU B 80 9.95 -26.39 -5.93
C GLU B 80 8.74 -27.12 -5.37
N GLY B 81 7.94 -26.45 -4.54
CA GLY B 81 6.77 -27.03 -3.86
C GLY B 81 5.73 -27.54 -4.83
N LEU B 82 5.71 -27.05 -6.06
CA LEU B 82 4.77 -27.57 -7.11
C LEU B 82 5.14 -29.02 -7.50
N HIS B 83 6.40 -29.42 -7.33
CA HIS B 83 6.98 -30.68 -7.89
C HIS B 83 7.36 -31.67 -6.78
N ARG B 84 7.83 -31.22 -5.61
CA ARG B 84 8.31 -32.14 -4.54
C ARG B 84 8.26 -31.46 -3.18
N PRO B 85 8.30 -32.25 -2.08
CA PRO B 85 8.29 -31.70 -0.73
C PRO B 85 9.57 -30.92 -0.49
N THR B 86 9.48 -29.79 0.19
CA THR B 86 10.65 -28.90 0.42
C THR B 86 10.42 -27.99 1.62
N GLY B 87 11.49 -27.39 2.14
CA GLY B 87 11.46 -26.42 3.24
C GLY B 87 11.85 -27.04 4.57
N THR B 88 12.49 -26.24 5.41
CA THR B 88 12.80 -26.55 6.83
C THR B 88 12.45 -25.31 7.67
N GLY B 89 12.27 -25.50 8.99
CA GLY B 89 11.98 -24.41 9.93
C GLY B 89 10.51 -24.05 9.92
N ASP B 90 10.20 -22.77 9.75
CA ASP B 90 8.83 -22.20 9.80
C ASP B 90 7.96 -22.78 8.68
N VAL B 91 8.55 -23.08 7.51
CA VAL B 91 7.75 -23.38 6.27
C VAL B 91 8.12 -24.76 5.73
N ARG B 92 7.10 -25.58 5.49
CA ARG B 92 7.17 -26.88 4.74
C ARG B 92 6.14 -26.83 3.60
N VAL B 93 6.55 -27.19 2.39
CA VAL B 93 5.68 -27.14 1.18
C VAL B 93 5.77 -28.48 0.45
N TRP B 94 4.66 -28.99 -0.08
CA TRP B 94 4.63 -30.23 -0.92
C TRP B 94 3.39 -30.28 -1.79
N PRO B 95 3.49 -30.92 -2.98
CA PRO B 95 2.34 -31.08 -3.87
C PRO B 95 1.45 -32.24 -3.44
N SER B 96 0.19 -32.19 -3.86
CA SER B 96 -0.84 -33.18 -3.51
C SER B 96 -2.06 -32.92 -4.39
N ARG B 97 -3.16 -33.63 -4.15
CA ARG B 97 -4.44 -33.40 -4.86
C ARG B 97 -5.56 -33.37 -3.83
N SER B 98 -6.60 -32.58 -4.08
CA SER B 98 -7.82 -32.56 -3.24
C SER B 98 -8.98 -31.99 -4.06
N HIS B 99 -10.18 -32.54 -3.88
CA HIS B 99 -11.42 -32.06 -4.57
C HIS B 99 -11.17 -32.01 -6.07
N GLY B 100 -10.40 -32.98 -6.60
CA GLY B 100 -10.11 -33.13 -8.04
C GLY B 100 -9.19 -32.05 -8.61
N GLN B 101 -8.44 -31.33 -7.80
CA GLN B 101 -7.48 -30.30 -8.28
C GLN B 101 -6.11 -30.63 -7.71
N GLY B 102 -5.06 -30.42 -8.50
CA GLY B 102 -3.68 -30.26 -7.96
C GLY B 102 -3.62 -29.10 -6.97
N VAL B 103 -3.00 -29.33 -5.82
CA VAL B 103 -2.84 -28.32 -4.75
C VAL B 103 -1.38 -28.33 -4.29
N VAL B 104 -0.93 -27.20 -3.76
CA VAL B 104 0.36 -27.11 -3.01
C VAL B 104 -0.02 -26.96 -1.55
N CYS B 105 0.47 -27.87 -0.71
CA CYS B 105 0.22 -27.84 0.75
C CYS B 105 1.27 -26.93 1.36
N ILE B 106 0.84 -25.96 2.18
CA ILE B 106 1.74 -25.00 2.89
C ILE B 106 1.52 -25.17 4.39
N ALA B 107 2.50 -25.74 5.09
CA ALA B 107 2.51 -25.89 6.56
C ALA B 107 3.38 -24.78 7.15
N LEU B 108 2.76 -23.91 7.96
CA LEU B 108 3.41 -22.73 8.58
C LEU B 108 3.46 -22.92 10.10
N SER B 109 4.65 -22.72 10.69
CA SER B 109 4.91 -22.72 12.16
C SER B 109 5.31 -21.32 12.61
N SER B 110 4.72 -20.88 13.72
CA SER B 110 5.04 -19.59 14.39
C SER B 110 5.02 -19.79 15.90
N PRO B 111 5.51 -18.81 16.69
CA PRO B 111 5.27 -18.80 18.14
C PRO B 111 3.79 -19.04 18.48
N GLU B 112 2.88 -18.46 17.67
CA GLU B 112 1.40 -18.55 17.84
C GLU B 112 0.95 -20.02 17.70
N GLY B 113 1.36 -20.71 16.63
CA GLY B 113 1.13 -22.17 16.47
C GLY B 113 1.48 -22.68 15.08
N GLU B 114 0.70 -23.64 14.59
CA GLU B 114 0.88 -24.37 13.31
C GLU B 114 -0.41 -24.26 12.48
N ALA B 115 -0.30 -23.87 11.20
CA ALA B 115 -1.43 -23.84 10.23
C ALA B 115 -1.06 -24.64 8.97
N LEU B 116 -2.05 -25.33 8.40
CA LEU B 116 -1.93 -26.07 7.12
C LEU B 116 -2.88 -25.43 6.09
N LEU B 117 -2.31 -24.94 4.99
CA LEU B 117 -3.08 -24.27 3.90
C LEU B 117 -2.92 -25.07 2.62
N GLU B 118 -3.97 -25.10 1.81
CA GLU B 118 -3.98 -25.69 0.45
C GLU B 118 -4.15 -24.55 -0.54
N ALA B 119 -3.20 -24.40 -1.45
CA ALA B 119 -3.26 -23.47 -2.59
C ALA B 119 -3.58 -24.27 -3.86
N PRO B 120 -4.45 -23.75 -4.75
CA PRO B 120 -4.63 -24.36 -6.06
C PRO B 120 -3.34 -24.22 -6.88
N ALA B 121 -2.80 -25.37 -7.30
CA ALA B 121 -1.51 -25.53 -8.02
C ALA B 121 -1.54 -24.72 -9.32
N ARG B 122 -2.60 -24.84 -10.10
CA ARG B 122 -2.66 -24.22 -11.44
C ARG B 122 -2.49 -22.70 -11.30
N ALA B 123 -3.26 -22.08 -10.41
CA ALA B 123 -3.28 -20.62 -10.16
C ALA B 123 -1.90 -20.19 -9.61
N LEU B 124 -1.37 -20.93 -8.64
CA LEU B 124 -0.03 -20.62 -8.09
C LEU B 124 1.01 -20.66 -9.22
N GLU B 125 0.97 -21.67 -10.08
CA GLU B 125 2.00 -21.90 -11.14
C GLU B 125 1.90 -20.79 -12.17
N SER B 126 0.69 -20.35 -12.45
CA SER B 126 0.42 -19.31 -13.48
C SER B 126 0.99 -17.97 -12.97
N PHE B 127 0.86 -17.70 -11.68
CA PHE B 127 1.44 -16.50 -11.02
C PHE B 127 2.97 -16.60 -11.08
N LEU B 128 3.56 -17.73 -10.71
CA LEU B 128 5.04 -17.90 -10.72
C LEU B 128 5.56 -17.73 -12.15
N LYS B 129 4.83 -18.17 -13.17
CA LYS B 129 5.24 -18.03 -14.59
C LYS B 129 5.28 -16.54 -14.95
N ARG B 130 4.34 -15.76 -14.43
CA ARG B 130 4.31 -14.31 -14.68
C ARG B 130 5.52 -13.66 -13.96
N THR B 131 5.87 -14.10 -12.76
CA THR B 131 7.06 -13.58 -12.05
C THR B 131 8.32 -13.97 -12.84
N ASP B 132 8.34 -15.15 -13.45
CA ASP B 132 9.50 -15.63 -14.25
C ASP B 132 9.67 -14.79 -15.53
N ALA B 133 8.57 -14.31 -16.11
CA ALA B 133 8.63 -13.44 -17.30
C ALA B 133 9.23 -12.08 -16.90
N ALA B 134 8.97 -11.60 -15.68
CA ALA B 134 9.51 -10.33 -15.15
C ALA B 134 10.98 -10.52 -14.78
N VAL B 135 11.30 -11.55 -14.01
CA VAL B 135 12.69 -11.88 -13.57
C VAL B 135 12.89 -13.39 -13.71
N PRO B 136 13.50 -13.86 -14.82
CA PRO B 136 13.73 -15.29 -15.00
C PRO B 136 14.56 -15.82 -13.84
N PRO B 137 14.18 -16.98 -13.24
CA PRO B 137 14.99 -17.60 -12.21
C PRO B 137 16.42 -17.78 -12.76
N GLY B 138 17.42 -17.50 -11.93
CA GLY B 138 18.84 -17.47 -12.32
C GLY B 138 19.35 -16.06 -12.58
N THR B 139 18.46 -15.08 -12.78
CA THR B 139 18.83 -13.67 -13.08
C THR B 139 18.53 -12.76 -11.90
N GLU B 140 18.03 -13.28 -10.79
CA GLU B 140 17.68 -12.47 -9.59
C GLU B 140 18.89 -11.59 -9.21
N HIS B 141 20.12 -12.10 -9.36
CA HIS B 141 21.37 -11.43 -8.87
C HIS B 141 21.62 -10.13 -9.64
N ARG B 142 21.16 -10.04 -10.89
CA ARG B 142 21.30 -8.82 -11.73
C ARG B 142 20.68 -7.61 -11.01
N HIS B 143 19.61 -7.83 -10.24
CA HIS B 143 18.85 -6.80 -9.47
C HIS B 143 19.43 -6.66 -8.07
N PHE B 144 20.02 -7.74 -7.55
CA PHE B 144 20.40 -7.97 -6.12
C PHE B 144 19.13 -8.07 -5.26
N GLY C 18 11.07 -18.61 4.45
CA GLY C 18 9.65 -18.31 4.79
C GLY C 18 9.49 -17.78 6.21
N SER C 19 8.75 -16.68 6.39
CA SER C 19 8.67 -15.95 7.68
C SER C 19 7.41 -15.09 7.75
N HIS C 20 6.79 -15.09 8.94
CA HIS C 20 5.69 -14.19 9.37
C HIS C 20 6.19 -12.75 9.50
N MET C 21 5.90 -11.88 8.55
CA MET C 21 6.37 -10.48 8.56
C MET C 21 5.44 -9.62 9.44
N ASN C 22 4.13 -9.82 9.39
CA ASN C 22 3.18 -8.87 10.00
C ASN C 22 1.78 -9.48 10.14
N THR C 23 1.03 -9.01 11.14
CA THR C 23 -0.43 -9.23 11.28
C THR C 23 -1.08 -7.85 11.30
N THR C 24 -2.12 -7.63 10.52
CA THR C 24 -2.80 -6.33 10.45
C THR C 24 -4.22 -6.44 10.99
N VAL C 25 -4.61 -5.49 11.85
CA VAL C 25 -6.01 -5.34 12.33
C VAL C 25 -6.44 -3.95 11.86
N SER C 26 -7.54 -3.84 11.12
CA SER C 26 -7.99 -2.52 10.64
C SER C 26 -9.48 -2.31 10.88
N CYS C 27 -9.95 -1.08 10.71
CA CYS C 27 -11.39 -0.75 10.71
C CYS C 27 -11.59 0.54 9.91
N GLU C 28 -12.81 0.76 9.44
CA GLU C 28 -13.23 2.01 8.78
C GLU C 28 -14.19 2.74 9.72
N LEU C 29 -13.89 3.98 10.06
CA LEU C 29 -14.72 4.83 10.95
C LEU C 29 -15.23 6.00 10.12
N HIS C 30 -16.41 6.53 10.47
CA HIS C 30 -16.87 7.85 9.99
C HIS C 30 -16.63 8.83 11.13
N LEU C 31 -15.67 9.75 10.95
CA LEU C 31 -15.37 10.81 11.93
C LEU C 31 -16.07 12.09 11.50
N ARG C 32 -16.21 13.04 12.42
CA ARG C 32 -16.77 14.38 12.14
C ARG C 32 -15.66 15.41 12.33
N LEU C 33 -15.39 16.18 11.30
CA LEU C 33 -14.45 17.32 11.41
C LEU C 33 -15.24 18.46 12.04
N VAL C 34 -14.87 18.93 13.23
CA VAL C 34 -15.63 20.03 13.89
C VAL C 34 -15.14 21.36 13.34
N VAL C 35 -15.82 21.84 12.30
CA VAL C 35 -15.59 23.14 11.62
C VAL C 35 -15.94 24.28 12.57
N SER C 36 -17.11 24.20 13.22
CA SER C 36 -17.66 25.24 14.12
C SER C 36 -18.74 24.62 15.02
N SER C 37 -19.29 25.39 15.97
CA SER C 37 -20.45 24.95 16.79
C SER C 37 -21.65 24.67 15.87
N GLU C 38 -21.87 25.52 14.87
CA GLU C 38 -22.99 25.39 13.90
C GLU C 38 -22.78 24.14 13.04
N SER C 39 -21.59 23.93 12.46
CA SER C 39 -21.43 22.96 11.34
C SER C 39 -20.17 22.08 11.52
N SER C 40 -20.30 20.81 11.14
CA SER C 40 -19.21 19.81 11.07
C SER C 40 -19.26 19.05 9.73
N LEU C 41 -18.15 18.44 9.31
CA LEU C 41 -18.04 17.76 8.01
C LEU C 41 -17.69 16.29 8.21
N PRO C 42 -18.09 15.41 7.28
CA PRO C 42 -17.78 13.98 7.40
C PRO C 42 -16.35 13.69 6.91
N VAL C 43 -15.61 12.92 7.69
CA VAL C 43 -14.24 12.45 7.33
C VAL C 43 -14.21 10.95 7.49
N PRO C 44 -14.36 10.18 6.38
CA PRO C 44 -14.07 8.75 6.43
C PRO C 44 -12.59 8.57 6.81
N ALA C 45 -12.31 7.60 7.65
CA ALA C 45 -10.95 7.31 8.15
C ALA C 45 -10.74 5.80 8.17
N GLY C 46 -9.52 5.37 7.85
CA GLY C 46 -9.07 4.01 8.11
C GLY C 46 -8.13 4.01 9.29
N LEU C 47 -8.31 3.08 10.24
CA LEU C 47 -7.30 2.82 11.29
C LEU C 47 -6.68 1.47 10.96
N ARG C 48 -5.38 1.34 11.18
CA ARG C 48 -4.67 0.05 11.02
C ARG C 48 -3.68 -0.12 12.17
N TYR C 49 -3.63 -1.33 12.70
CA TYR C 49 -2.63 -1.77 13.68
C TYR C 49 -1.80 -2.89 13.04
N ASP C 50 -0.47 -2.75 13.07
CA ASP C 50 0.53 -3.70 12.51
C ASP C 50 1.33 -4.25 13.69
N THR C 51 1.32 -5.56 13.90
CA THR C 51 2.07 -6.22 15.02
C THR C 51 3.58 -5.98 14.83
N ALA C 52 4.06 -5.69 13.63
CA ALA C 52 5.46 -5.29 13.34
C ALA C 52 5.76 -3.88 13.86
N ASP C 53 4.72 -3.06 14.13
CA ASP C 53 4.85 -1.70 14.72
C ASP C 53 3.90 -1.65 15.92
N PRO C 54 4.16 -2.46 16.96
CA PRO C 54 3.13 -2.80 17.95
C PRO C 54 2.72 -1.71 18.94
N TYR C 55 3.43 -0.59 19.00
CA TYR C 55 3.09 0.56 19.89
C TYR C 55 2.18 1.56 19.16
N ALA C 56 2.00 1.41 17.85
CA ALA C 56 1.42 2.45 16.97
C ALA C 56 0.04 2.07 16.46
N VAL C 57 -0.73 3.09 16.12
CA VAL C 57 -1.95 3.00 15.30
C VAL C 57 -1.77 4.00 14.17
N HIS C 58 -1.98 3.56 12.94
CA HIS C 58 -1.92 4.41 11.73
C HIS C 58 -3.35 4.83 11.38
N ALA C 59 -3.55 6.12 11.18
CA ALA C 59 -4.86 6.69 10.80
C ALA C 59 -4.72 7.35 9.42
N THR C 60 -5.62 7.02 8.50
CA THR C 60 -5.78 7.68 7.18
C THR C 60 -7.10 8.44 7.17
N PHE C 61 -7.03 9.78 7.17
CA PHE C 61 -8.20 10.69 7.06
C PHE C 61 -8.41 11.02 5.58
N HIS C 62 -9.53 10.57 5.01
CA HIS C 62 -9.92 10.88 3.61
C HIS C 62 -10.54 12.27 3.59
N THR C 63 -9.74 13.30 3.37
CA THR C 63 -10.12 14.75 3.51
C THR C 63 -10.62 15.32 2.19
N GLY C 64 -10.50 14.58 1.09
CA GLY C 64 -10.87 15.03 -0.26
C GLY C 64 -10.99 13.84 -1.19
N ALA C 65 -11.51 14.03 -2.40
CA ALA C 65 -11.75 12.92 -3.36
C ALA C 65 -10.42 12.17 -3.60
N GLU C 66 -9.34 12.92 -3.87
CA GLU C 66 -8.01 12.36 -4.19
C GLU C 66 -6.98 12.97 -3.23
N GLU C 67 -7.29 12.99 -1.94
CA GLU C 67 -6.44 13.59 -0.88
C GLU C 67 -6.62 12.79 0.43
N THR C 68 -5.53 12.50 1.13
CA THR C 68 -5.55 11.90 2.48
C THR C 68 -4.59 12.65 3.38
N VAL C 69 -4.82 12.58 4.69
CA VAL C 69 -3.85 12.98 5.73
C VAL C 69 -3.56 11.74 6.56
N GLU C 70 -2.29 11.38 6.71
CA GLU C 70 -1.84 10.22 7.51
C GLU C 70 -1.30 10.74 8.84
N TRP C 71 -1.77 10.17 9.95
CA TRP C 71 -1.21 10.38 11.30
C TRP C 71 -0.80 9.04 11.90
N VAL C 72 0.23 9.04 12.74
CA VAL C 72 0.58 7.91 13.63
C VAL C 72 0.30 8.34 15.06
N PHE C 73 -0.38 7.49 15.82
CA PHE C 73 -0.65 7.65 17.25
C PHE C 73 0.01 6.49 18.01
N ALA C 74 0.35 6.74 19.27
CA ALA C 74 0.55 5.70 20.29
C ALA C 74 -0.79 5.00 20.50
N ARG C 75 -0.81 3.67 20.38
CA ARG C 75 -2.03 2.91 20.69
C ARG C 75 -2.54 3.32 22.08
N ASP C 76 -1.62 3.47 23.05
CA ASP C 76 -1.97 3.68 24.49
C ASP C 76 -2.66 5.04 24.66
N LEU C 77 -2.37 6.01 23.79
CA LEU C 77 -2.99 7.35 23.82
C LEU C 77 -4.46 7.27 23.40
N LEU C 78 -4.77 6.52 22.34
CA LEU C 78 -6.17 6.31 21.89
C LEU C 78 -6.92 5.50 22.95
N ALA C 79 -6.29 4.48 23.52
CA ALA C 79 -6.89 3.61 24.55
C ALA C 79 -7.26 4.45 25.78
N GLU C 80 -6.33 5.29 26.26
CA GLU C 80 -6.55 6.19 27.43
C GLU C 80 -7.64 7.20 27.10
N GLY C 81 -7.66 7.70 25.87
CA GLY C 81 -8.60 8.73 25.42
C GLY C 81 -10.06 8.28 25.50
N LEU C 82 -10.34 6.98 25.54
CA LEU C 82 -11.71 6.47 25.72
C LEU C 82 -12.23 6.78 27.13
N HIS C 83 -11.33 6.93 28.10
CA HIS C 83 -11.64 6.98 29.55
C HIS C 83 -11.35 8.38 30.15
N ARG C 84 -10.31 9.09 29.71
CA ARG C 84 -9.94 10.39 30.32
C ARG C 84 -9.14 11.24 29.34
N PRO C 85 -9.04 12.56 29.57
CA PRO C 85 -8.28 13.45 28.71
C PRO C 85 -6.80 13.08 28.79
N THR C 86 -6.07 13.11 27.67
CA THR C 86 -4.65 12.69 27.63
C THR C 86 -3.96 13.30 26.42
N GLY C 87 -2.62 13.30 26.46
CA GLY C 87 -1.73 13.79 25.40
C GLY C 87 -1.25 15.19 25.67
N THR C 88 0.00 15.48 25.31
CA THR C 88 0.58 16.84 25.19
C THR C 88 1.36 16.92 23.88
N GLY C 89 1.59 18.13 23.38
CA GLY C 89 2.19 18.34 22.06
C GLY C 89 1.13 18.32 20.97
N ASP C 90 1.40 17.60 19.89
CA ASP C 90 0.61 17.60 18.63
C ASP C 90 -0.81 17.07 18.88
N VAL C 91 -0.96 16.12 19.80
CA VAL C 91 -2.23 15.35 19.97
C VAL C 91 -2.77 15.53 21.38
N ARG C 92 -4.04 15.92 21.47
CA ARG C 92 -4.86 15.89 22.71
C ARG C 92 -6.10 15.03 22.42
N VAL C 93 -6.42 14.11 23.32
CA VAL C 93 -7.58 13.17 23.18
C VAL C 93 -8.39 13.19 24.47
N TRP C 94 -9.72 13.16 24.36
CA TRP C 94 -10.61 13.09 25.55
C TRP C 94 -11.99 12.55 25.17
N PRO C 95 -12.65 11.82 26.09
CA PRO C 95 -14.00 11.32 25.87
C PRO C 95 -15.05 12.39 26.09
N SER C 96 -16.19 12.22 25.44
CA SER C 96 -17.33 13.16 25.47
C SER C 96 -18.53 12.46 24.85
N ARG C 97 -19.63 13.19 24.62
CA ARG C 97 -20.82 12.62 23.94
C ARG C 97 -21.28 13.63 22.89
N SER C 98 -21.96 13.18 21.85
CA SER C 98 -22.47 14.05 20.77
C SER C 98 -23.53 13.24 20.01
N HIS C 99 -24.68 13.87 19.76
CA HIS C 99 -25.85 13.26 19.07
C HIS C 99 -26.21 11.94 19.75
N GLY C 100 -26.08 11.89 21.08
CA GLY C 100 -26.48 10.75 21.92
C GLY C 100 -25.56 9.53 21.78
N GLN C 101 -24.34 9.70 21.27
CA GLN C 101 -23.33 8.60 21.22
C GLN C 101 -22.08 9.07 21.95
N GLY C 102 -21.43 8.18 22.67
CA GLY C 102 -20.04 8.34 23.14
C GLY C 102 -19.12 8.61 21.96
N VAL C 103 -18.26 9.62 22.10
CA VAL C 103 -17.23 9.98 21.10
C VAL C 103 -15.91 10.14 21.82
N VAL C 104 -14.83 9.92 21.07
CA VAL C 104 -13.47 10.37 21.49
C VAL C 104 -13.13 11.60 20.65
N CYS C 105 -12.81 12.69 21.32
CA CYS C 105 -12.43 13.96 20.67
C CYS C 105 -10.92 13.88 20.40
N ILE C 106 -10.50 14.16 19.17
CA ILE C 106 -9.07 14.16 18.76
C ILE C 106 -8.73 15.56 18.23
N ALA C 107 -7.93 16.30 18.99
CA ALA C 107 -7.41 17.63 18.61
C ALA C 107 -5.97 17.46 18.12
N LEU C 108 -5.74 17.81 16.85
CA LEU C 108 -4.44 17.62 16.16
C LEU C 108 -3.86 18.99 15.80
N SER C 109 -2.61 19.25 16.20
CA SER C 109 -1.83 20.47 15.84
C SER C 109 -0.67 20.11 14.92
N SER C 110 -0.53 20.87 13.84
CA SER C 110 0.66 20.91 12.96
C SER C 110 0.96 22.35 12.60
N PRO C 111 2.16 22.67 12.06
CA PRO C 111 2.50 24.04 11.69
C PRO C 111 2.03 24.36 10.26
N GLU C 114 -4.50 23.38 12.97
CA GLU C 114 -5.24 22.76 14.10
C GLU C 114 -6.57 22.18 13.58
N ALA C 115 -6.84 20.90 13.84
CA ALA C 115 -8.11 20.22 13.50
C ALA C 115 -8.68 19.53 14.73
N LEU C 116 -10.02 19.55 14.84
CA LEU C 116 -10.76 18.84 15.91
C LEU C 116 -11.65 17.77 15.26
N LEU C 117 -11.42 16.50 15.61
CA LEU C 117 -12.19 15.36 15.04
C LEU C 117 -12.94 14.65 16.17
N GLU C 118 -14.15 14.16 15.87
CA GLU C 118 -14.95 13.29 16.77
C GLU C 118 -14.98 11.89 16.16
N ALA C 119 -14.53 10.89 16.90
CA ALA C 119 -14.61 9.46 16.54
C ALA C 119 -15.69 8.79 17.36
N PRO C 120 -16.51 7.90 16.74
CA PRO C 120 -17.49 7.12 17.50
C PRO C 120 -16.76 6.13 18.42
N ALA C 121 -17.02 6.27 19.73
CA ALA C 121 -16.31 5.58 20.83
C ALA C 121 -16.48 4.07 20.68
N ARG C 122 -17.68 3.60 20.41
CA ARG C 122 -17.95 2.13 20.38
C ARG C 122 -17.04 1.49 19.33
N ALA C 123 -17.04 2.02 18.11
CA ALA C 123 -16.27 1.50 16.96
C ALA C 123 -14.77 1.60 17.26
N LEU C 124 -14.31 2.74 17.78
CA LEU C 124 -12.89 2.90 18.18
C LEU C 124 -12.51 1.81 19.20
N GLU C 125 -13.33 1.61 20.22
CA GLU C 125 -13.03 0.69 21.36
C GLU C 125 -12.99 -0.74 20.84
N SER C 126 -13.88 -1.07 19.91
CA SER C 126 -13.99 -2.46 19.41
C SER C 126 -12.77 -2.76 18.52
N PHE C 127 -12.26 -1.78 17.78
CA PHE C 127 -10.98 -1.86 17.03
C PHE C 127 -9.81 -2.07 18.00
N LEU C 128 -9.71 -1.26 19.06
CA LEU C 128 -8.59 -1.38 20.02
C LEU C 128 -8.62 -2.74 20.69
N LYS C 129 -9.82 -3.29 20.97
CA LYS C 129 -9.97 -4.62 21.64
C LYS C 129 -9.44 -5.69 20.70
N ARG C 130 -9.66 -5.55 19.39
CA ARG C 130 -9.12 -6.49 18.39
C ARG C 130 -7.58 -6.37 18.35
N THR C 131 -7.03 -5.16 18.45
CA THR C 131 -5.54 -5.00 18.49
C THR C 131 -5.01 -5.64 19.77
N ASP C 132 -5.74 -5.55 20.88
CA ASP C 132 -5.31 -6.10 22.19
C ASP C 132 -5.34 -7.62 22.14
N ALA C 133 -6.25 -8.23 21.39
CA ALA C 133 -6.32 -9.70 21.23
C ALA C 133 -5.07 -10.17 20.47
N ALA C 134 -4.61 -9.38 19.49
CA ALA C 134 -3.42 -9.69 18.67
C ALA C 134 -2.16 -9.47 19.50
N VAL C 135 -2.04 -8.30 20.16
CA VAL C 135 -0.87 -7.94 21.00
C VAL C 135 -1.39 -7.30 22.27
N PRO C 136 -1.55 -8.05 23.37
CA PRO C 136 -2.03 -7.46 24.63
C PRO C 136 -1.09 -6.32 25.04
N PRO C 137 -1.64 -5.15 25.45
CA PRO C 137 -0.79 -4.07 25.95
C PRO C 137 0.09 -4.61 27.09
N GLY C 138 1.37 -4.23 27.09
CA GLY C 138 2.38 -4.75 28.03
C GLY C 138 3.27 -5.81 27.40
N THR C 139 2.84 -6.41 26.28
CA THR C 139 3.58 -7.51 25.59
C THR C 139 4.20 -7.03 24.27
N GLU C 140 4.07 -5.75 23.94
CA GLU C 140 4.52 -5.21 22.63
C GLU C 140 5.99 -5.61 22.40
N HIS C 141 6.81 -5.62 23.45
CA HIS C 141 8.29 -5.79 23.37
C HIS C 141 8.64 -7.20 22.91
N ARG C 142 7.78 -8.19 23.16
CA ARG C 142 7.99 -9.60 22.72
C ARG C 142 8.11 -9.66 21.18
N HIS C 143 7.48 -8.74 20.45
CA HIS C 143 7.54 -8.61 18.97
C HIS C 143 8.75 -7.76 18.54
C1 PEG D . 9.21 1.06 -18.17
O1 PEG D . 10.53 1.31 -17.73
C2 PEG D . 8.30 2.27 -18.07
O2 PEG D . 6.93 1.90 -18.18
C3 PEG D . 6.67 1.11 -19.35
C4 PEG D . 5.22 1.13 -19.68
O4 PEG D . 4.84 0.01 -20.47
C1 GOL E . 16.46 16.50 -4.52
O1 GOL E . 15.96 16.67 -5.85
C2 GOL E . 15.91 15.23 -3.92
O2 GOL E . 16.12 14.17 -4.85
C3 GOL E . 16.50 14.87 -2.58
O3 GOL E . 15.55 14.24 -1.73
C1 GOL F . -5.64 -1.35 -18.93
O1 GOL F . -4.62 -1.36 -19.92
C2 GOL F . -5.32 -2.31 -17.80
O2 GOL F . -3.90 -2.38 -17.60
C3 GOL F . -5.99 -1.93 -16.51
O3 GOL F . -5.32 -2.48 -15.38
C1 GOL G . 3.69 23.68 -12.56
O1 GOL G . 2.37 23.98 -12.14
C2 GOL G . 4.64 23.52 -11.39
O2 GOL G . 4.61 24.71 -10.60
C3 GOL G . 4.36 22.30 -10.52
O3 GOL G . 5.36 22.07 -9.52
C1 PEG H . 7.24 26.12 -10.63
O1 PEG H . 8.16 27.10 -10.14
C2 PEG H . 7.77 25.40 -11.84
O2 PEG H . 7.48 26.14 -13.02
C3 PEG H . 8.14 25.66 -14.18
C4 PEG H . 9.40 26.45 -14.42
O4 PEG H . 10.11 26.01 -15.56
C1 GOL I . -8.40 12.59 -19.96
O1 GOL I . -7.70 12.61 -21.20
C2 GOL I . -7.45 12.71 -18.79
O2 GOL I . -6.71 11.50 -18.63
C3 GOL I . -8.17 13.07 -17.49
O3 GOL I . -7.44 12.64 -16.34
C1 GOL J . 13.24 12.56 -6.27
O1 GOL J . 13.64 13.44 -5.23
C2 GOL J . 14.44 12.02 -7.02
O2 GOL J . 14.00 10.90 -7.78
C3 GOL J . 15.11 13.06 -7.89
O3 GOL J . 16.19 12.53 -8.66
C1 PEG K . -6.76 -20.72 -12.39
O1 PEG K . -5.75 -20.26 -13.28
C2 PEG K . -6.52 -22.14 -11.91
O2 PEG K . -6.60 -22.23 -10.48
C3 PEG K . -6.32 -23.51 -9.93
C4 PEG K . -7.23 -24.58 -10.50
O4 PEG K . -7.37 -25.73 -9.66
C1 GOL L . 0.17 -8.95 -1.84
O1 GOL L . -0.58 -7.88 -2.39
C2 GOL L . 0.34 -8.82 -0.34
O2 GOL L . 1.22 -9.85 0.11
C3 GOL L . 0.81 -7.46 0.14
O3 GOL L . 1.97 -7.56 0.98
C1 PEG M . -10.43 -23.01 -5.97
O1 PEG M . -10.10 -23.38 -7.29
C2 PEG M . -10.12 -24.08 -4.98
O2 PEG M . -9.32 -23.54 -3.92
C3 PEG M . -9.28 -24.39 -2.77
C4 PEG M . -7.99 -25.19 -2.73
O4 PEG M . -8.18 -26.58 -2.41
C1 GOL N . -13.93 -12.88 6.97
O1 GOL N . -15.20 -12.85 6.31
C2 GOL N . -12.88 -13.69 6.22
O2 GOL N . -12.58 -13.11 4.95
C3 GOL N . -13.25 -15.14 6.03
O3 GOL N . -12.58 -15.71 4.91
C1 GOL O . 8.27 -21.42 -11.34
O1 GOL O . 9.60 -21.52 -11.85
C2 GOL O . 7.28 -22.31 -12.07
O2 GOL O . 7.58 -23.69 -11.85
C3 GOL O . 7.24 -22.01 -13.56
O3 GOL O . 6.52 -23.00 -14.29
C1 GOL P . -3.70 -18.16 8.61
O1 GOL P . -4.52 -19.08 9.32
C2 GOL P . -2.23 -18.56 8.60
O2 GOL P . -1.51 -17.60 7.84
C3 GOL P . -1.58 -18.64 9.96
O3 GOL P . -0.16 -18.64 9.84
P PO4 Q . -4.23 -29.79 -11.77
O1 PO4 Q . -3.08 -30.59 -11.18
O2 PO4 Q . -4.44 -28.46 -11.00
O3 PO4 Q . -5.48 -30.61 -11.63
O4 PO4 Q . -3.95 -29.48 -13.21
C1 GOL R . 14.47 -16.41 2.83
O1 GOL R . 14.21 -17.66 3.47
C2 GOL R . 13.23 -15.54 2.81
O2 GOL R . 12.88 -15.16 4.14
C3 GOL R . 13.38 -14.30 1.94
O3 GOL R . 13.47 -14.63 0.55
C1 PEG S . 4.59 8.93 18.24
O1 PEG S . 4.81 9.57 17.00
C2 PEG S . 5.53 7.78 18.46
O2 PEG S . 4.79 6.65 18.90
C3 PEG S . 5.60 5.50 19.13
C4 PEG S . 6.23 5.55 20.50
O4 PEG S . 7.17 4.50 20.71
C1 GOL T . -14.43 -6.79 20.05
O1 GOL T . -15.22 -6.44 18.91
C2 GOL T . -13.64 -8.04 19.78
O2 GOL T . -14.48 -9.04 19.22
C3 GOL T . -12.96 -8.59 21.02
O3 GOL T . -11.84 -9.42 20.69
C1 GOL U . -6.57 17.05 9.17
O1 GOL U . -7.31 15.87 9.46
C2 GOL U . -7.49 18.23 8.94
O2 GOL U . -8.56 17.87 8.06
C3 GOL U . -6.77 19.46 8.41
O3 GOL U . -5.53 19.67 9.09
C1 GOL V . 1.51 1.28 7.45
O1 GOL V . 1.18 2.55 6.90
C2 GOL V . 2.79 1.33 8.27
O2 GOL V . 3.91 1.51 7.41
C3 GOL V . 2.98 0.09 9.12
O3 GOL V . 4.11 0.18 10.00
C1 PEG W . -9.03 0.35 6.64
O1 PEG W . -9.71 1.31 5.84
C2 PEG W . -7.74 0.89 7.26
O2 PEG W . -6.86 1.42 6.25
C3 PEG W . -5.58 1.79 6.75
C4 PEG W . -5.58 3.25 7.13
O4 PEG W . -4.43 3.65 7.88
C1 GOL X . -10.21 -0.26 26.92
O1 GOL X . -9.30 0.00 27.99
C2 GOL X . -9.52 -0.97 25.76
O2 GOL X . -10.45 -1.19 24.71
C3 GOL X . -8.33 -0.20 25.23
O3 GOL X . -7.43 -1.04 24.53
#